data_1NWK
#
_entry.id   1NWK
#
_cell.length_a   112.216
_cell.length_b   37.368
_cell.length_c   85.027
_cell.angle_alpha   90.00
_cell.angle_beta   108.13
_cell.angle_gamma   90.00
#
_symmetry.space_group_name_H-M   'C 1 2 1'
#
loop_
_entity.id
_entity.type
_entity.pdbx_description
1 polymer 'Actin, alpha skeletal muscle'
2 non-polymer 'CALCIUM ION'
3 non-polymer 'PHOSPHOAMINOPHOSPHONIC ACID-ADENYLATE ESTER'
4 non-polymer TETRAMETHYLRHODAMINE-5-MALEIMIDE
5 water water
#
_entity_poly.entity_id   1
_entity_poly.type   'polypeptide(L)'
_entity_poly.pdbx_seq_one_letter_code
;DEDETTALVCDNGSGLVKAGFAGDDAPRAVFPSIVGRPRHQGVMVGMGQKDSYVGDEAQSKRGILTLKYPIE(HIC)GII
TNWDDMEKIWHHTFYNELRVAPEEHPTLLTEAPLNPKANREKMTQIMFETFNVPAMYVAIQAVLSLYASGRTTGIVLDSG
DGVTHNVPIYEGYALPHAIMRLDLAGRDLTDYLMKILTERGYSFVTTAEREIVRDIKEKLCYVALDFENEMATAASSSSL
EKSYELPDGQVITIGNERFRCPETLFQPSFIGMESAGIHETTYNSIMKCDIDIRKDLYANNVMSGGTTMYPGIADRMQKE
ITALAPSTMKIKIIAPPERKYSVWIGGSILASLSTFQQMWITKQEYDEAGPSIVHRKCF
;
_entity_poly.pdbx_strand_id   A
#
# COMPACT_ATOMS: atom_id res chain seq x y z
N THR A 6 2.91 -2.70 -25.93
CA THR A 6 3.43 -2.66 -24.54
C THR A 6 2.28 -2.69 -23.54
N ALA A 7 2.38 -3.59 -22.57
CA ALA A 7 1.35 -3.73 -21.55
C ALA A 7 1.40 -2.59 -20.55
N LEU A 8 0.25 -2.31 -19.95
CA LEU A 8 0.12 -1.27 -18.94
C LEU A 8 -0.14 -1.96 -17.61
N VAL A 9 0.30 -1.31 -16.54
CA VAL A 9 0.10 -1.80 -15.18
C VAL A 9 -0.50 -0.68 -14.33
N CYS A 10 -1.67 -0.93 -13.76
N CYS A 10 -1.66 -0.94 -13.77
CA CYS A 10 -2.33 0.07 -12.92
CA CYS A 10 -2.36 0.04 -12.93
C CYS A 10 -2.60 -0.52 -11.54
C CYS A 10 -2.60 -0.54 -11.54
N ASP A 11 -2.01 0.10 -10.52
CA ASP A 11 -2.18 -0.35 -9.14
C ASP A 11 -2.95 0.74 -8.39
N ASN A 12 -4.24 0.50 -8.16
CA ASN A 12 -5.09 1.49 -7.48
C ASN A 12 -5.15 1.29 -5.98
N GLY A 13 -4.60 2.26 -5.23
CA GLY A 13 -4.62 2.18 -3.78
C GLY A 13 -5.62 3.13 -3.14
N SER A 14 -5.82 2.99 -1.84
N SER A 14 -5.82 2.99 -1.84
CA SER A 14 -6.75 3.84 -1.09
CA SER A 14 -6.75 3.84 -1.10
C SER A 14 -6.34 5.31 -1.14
C SER A 14 -6.34 5.30 -1.16
N GLY A 15 -5.04 5.55 -1.21
CA GLY A 15 -4.56 6.92 -1.27
C GLY A 15 -3.90 7.33 -2.56
N LEU A 16 -3.21 6.41 -3.22
CA LEU A 16 -2.51 6.72 -4.47
C LEU A 16 -2.68 5.71 -5.58
N VAL A 17 -2.74 6.22 -6.81
CA VAL A 17 -2.81 5.37 -7.99
C VAL A 17 -1.38 5.35 -8.52
N LYS A 18 -0.87 4.17 -8.84
CA LYS A 18 0.47 4.02 -9.41
C LYS A 18 0.25 3.38 -10.76
N ALA A 19 0.71 4.04 -11.82
CA ALA A 19 0.52 3.49 -13.16
C ALA A 19 1.74 3.68 -14.05
N GLY A 20 1.87 2.81 -15.05
CA GLY A 20 3.00 2.88 -15.95
C GLY A 20 3.01 1.74 -16.94
N PHE A 21 4.12 1.60 -17.64
CA PHE A 21 4.24 0.54 -18.64
C PHE A 21 5.02 -0.64 -18.10
N ALA A 22 4.58 -1.83 -18.45
CA ALA A 22 5.26 -3.05 -18.02
C ALA A 22 6.68 -2.95 -18.53
N GLY A 23 7.66 -3.32 -17.72
CA GLY A 23 9.04 -3.23 -18.16
C GLY A 23 9.76 -2.07 -17.49
N ASP A 24 9.04 -0.99 -17.21
CA ASP A 24 9.67 0.15 -16.53
C ASP A 24 9.98 -0.31 -15.12
N ASP A 25 11.03 0.24 -14.52
CA ASP A 25 11.44 -0.15 -13.17
C ASP A 25 10.58 0.49 -12.07
N ALA A 26 9.81 1.50 -12.43
CA ALA A 26 8.95 2.18 -11.45
C ALA A 26 7.79 2.83 -12.19
N PRO A 27 6.68 3.11 -11.48
CA PRO A 27 5.54 3.74 -12.14
C PRO A 27 5.87 5.16 -12.63
N ARG A 28 5.39 5.49 -13.82
CA ARG A 28 5.62 6.81 -14.40
C ARG A 28 4.62 7.82 -13.86
N ALA A 29 3.48 7.32 -13.40
CA ALA A 29 2.43 8.20 -12.89
C ALA A 29 1.99 7.80 -11.50
N VAL A 30 1.98 8.76 -10.58
CA VAL A 30 1.54 8.52 -9.21
C VAL A 30 0.74 9.72 -8.80
N PHE A 31 -0.54 9.54 -8.49
CA PHE A 31 -1.38 10.65 -8.08
C PHE A 31 -2.44 10.21 -7.07
N PRO A 32 -3.00 11.18 -6.33
CA PRO A 32 -4.03 10.90 -5.31
C PRO A 32 -5.29 10.24 -5.86
N SER A 33 -5.74 9.20 -5.17
N SER A 33 -5.74 9.18 -5.19
CA SER A 33 -6.94 8.47 -5.56
CA SER A 33 -6.94 8.48 -5.62
C SER A 33 -8.15 9.24 -5.05
C SER A 33 -8.16 9.22 -5.08
N ILE A 34 -8.35 10.43 -5.57
CA ILE A 34 -9.46 11.28 -5.14
C ILE A 34 -10.24 11.84 -6.33
N VAL A 35 -11.57 11.88 -6.20
CA VAL A 35 -12.44 12.41 -7.25
C VAL A 35 -13.26 13.55 -6.65
N GLY A 36 -13.31 14.68 -7.36
CA GLY A 36 -14.07 15.82 -6.86
C GLY A 36 -15.33 16.05 -7.66
N ARG A 37 -16.45 16.24 -6.97
CA ARG A 37 -17.73 16.50 -7.61
C ARG A 37 -18.35 17.79 -7.10
N PRO A 38 -18.86 18.63 -8.01
CA PRO A 38 -19.50 19.91 -7.71
C PRO A 38 -20.63 19.81 -6.68
N ARG A 39 -20.79 20.86 -5.87
CA ARG A 39 -21.84 20.88 -4.85
C ARG A 39 -23.07 21.64 -5.33
N SER A 52 -16.48 16.87 -13.06
CA SER A 52 -15.68 16.34 -11.95
C SER A 52 -14.19 16.47 -12.23
N TYR A 53 -13.40 16.47 -11.16
CA TYR A 53 -11.95 16.59 -11.25
C TYR A 53 -11.29 15.40 -10.56
N VAL A 54 -10.04 15.13 -10.90
CA VAL A 54 -9.33 13.98 -10.32
C VAL A 54 -7.91 14.31 -9.83
N GLY A 55 -7.53 13.71 -8.71
CA GLY A 55 -6.19 13.91 -8.18
C GLY A 55 -5.89 15.25 -7.53
N ASP A 56 -4.69 15.75 -7.77
CA ASP A 56 -4.25 17.03 -7.21
C ASP A 56 -5.22 18.14 -7.56
N GLU A 57 -5.78 18.06 -8.76
CA GLU A 57 -6.74 19.04 -9.24
C GLU A 57 -8.00 19.07 -8.38
N ALA A 58 -8.42 17.91 -7.91
CA ALA A 58 -9.62 17.83 -7.08
C ALA A 58 -9.34 18.39 -5.69
N GLN A 59 -8.21 17.99 -5.09
CA GLN A 59 -7.84 18.46 -3.76
C GLN A 59 -7.79 19.99 -3.70
N SER A 60 -7.18 20.58 -4.72
CA SER A 60 -7.04 22.03 -4.81
C SER A 60 -8.39 22.75 -4.70
N LYS A 61 -9.46 22.10 -5.16
CA LYS A 61 -10.78 22.73 -5.14
C LYS A 61 -11.71 22.32 -4.02
N ARG A 62 -11.15 21.92 -2.87
CA ARG A 62 -12.00 21.53 -1.76
C ARG A 62 -12.91 22.72 -1.42
N GLY A 63 -14.14 22.42 -1.03
CA GLY A 63 -15.08 23.49 -0.72
C GLY A 63 -16.09 23.64 -1.85
N ILE A 64 -15.60 23.98 -3.04
CA ILE A 64 -16.49 24.11 -4.19
C ILE A 64 -16.78 22.72 -4.73
N LEU A 65 -16.01 21.74 -4.28
CA LEU A 65 -16.19 20.35 -4.69
C LEU A 65 -16.20 19.44 -3.48
N THR A 66 -17.05 18.41 -3.53
CA THR A 66 -17.11 17.42 -2.46
C THR A 66 -16.09 16.38 -2.89
N LEU A 67 -15.21 15.97 -1.97
CA LEU A 67 -14.18 15.00 -2.31
C LEU A 67 -14.64 13.58 -2.01
N LYS A 68 -14.28 12.66 -2.89
CA LYS A 68 -14.65 11.27 -2.71
C LYS A 68 -13.43 10.38 -2.90
N TYR A 69 -13.25 9.42 -1.99
CA TYR A 69 -12.16 8.45 -2.06
C TYR A 69 -12.87 7.16 -2.46
N PRO A 70 -12.90 6.86 -3.77
CA PRO A 70 -13.56 5.66 -4.29
C PRO A 70 -13.00 4.32 -3.82
N ILE A 71 -11.79 4.34 -3.29
CA ILE A 71 -11.18 3.12 -2.79
C ILE A 71 -11.01 3.24 -1.28
N GLU A 72 -11.72 2.40 -0.54
CA GLU A 72 -11.65 2.42 0.92
C GLU A 72 -11.08 1.10 1.40
N GLY A 74 -8.58 -0.34 0.47
CA GLY A 74 -8.16 -1.10 -0.69
C GLY A 74 -9.25 -1.64 -1.60
N ILE A 75 -10.50 -1.54 -1.16
N ILE A 75 -10.50 -1.55 -1.17
CA ILE A 75 -11.63 -2.02 -1.94
CA ILE A 75 -11.62 -2.03 -1.96
C ILE A 75 -12.39 -0.90 -2.64
C ILE A 75 -12.39 -0.90 -2.64
N ILE A 76 -12.68 -1.08 -3.92
CA ILE A 76 -13.43 -0.09 -4.69
C ILE A 76 -14.86 -0.04 -4.18
N THR A 77 -15.33 1.16 -3.84
CA THR A 77 -16.67 1.33 -3.31
C THR A 77 -17.62 2.14 -4.19
N ASN A 78 -17.07 2.87 -5.16
CA ASN A 78 -17.91 3.66 -6.06
C ASN A 78 -17.39 3.50 -7.48
N TRP A 79 -18.18 2.86 -8.32
CA TRP A 79 -17.77 2.61 -9.71
C TRP A 79 -17.77 3.80 -10.64
N ASP A 80 -18.65 4.77 -10.42
CA ASP A 80 -18.64 5.93 -11.30
C ASP A 80 -17.38 6.76 -11.04
N ASP A 81 -16.98 6.86 -9.77
CA ASP A 81 -15.79 7.62 -9.42
C ASP A 81 -14.54 6.87 -9.86
N MET A 82 -14.58 5.54 -9.73
CA MET A 82 -13.44 4.72 -10.11
C MET A 82 -13.24 4.84 -11.61
N GLU A 83 -14.34 4.93 -12.34
CA GLU A 83 -14.29 5.07 -13.79
C GLU A 83 -13.57 6.36 -14.16
N LYS A 84 -13.84 7.41 -13.38
CA LYS A 84 -13.20 8.70 -13.62
C LYS A 84 -11.71 8.59 -13.34
N ILE A 85 -11.34 7.84 -12.30
CA ILE A 85 -9.95 7.67 -11.96
C ILE A 85 -9.21 6.96 -13.08
N TRP A 86 -9.79 5.89 -13.60
CA TRP A 86 -9.17 5.16 -14.69
C TRP A 86 -9.08 6.02 -15.95
N HIS A 87 -10.11 6.81 -16.22
CA HIS A 87 -10.06 7.69 -17.41
C HIS A 87 -8.91 8.67 -17.26
N HIS A 88 -8.75 9.22 -16.06
CA HIS A 88 -7.68 10.18 -15.78
C HIS A 88 -6.31 9.52 -15.97
N THR A 89 -6.19 8.28 -15.50
CA THR A 89 -4.94 7.54 -15.60
C THR A 89 -4.49 7.39 -17.06
N PHE A 90 -5.40 6.91 -17.91
CA PHE A 90 -5.11 6.68 -19.32
C PHE A 90 -4.91 7.93 -20.16
N TYR A 91 -5.89 8.82 -20.13
CA TYR A 91 -5.90 10.04 -20.94
C TYR A 91 -5.20 11.29 -20.44
N ASN A 92 -5.05 11.46 -19.13
CA ASN A 92 -4.41 12.65 -18.61
C ASN A 92 -3.01 12.42 -18.06
N GLU A 93 -2.82 11.32 -17.33
CA GLU A 93 -1.53 10.99 -16.73
C GLU A 93 -0.58 10.27 -17.70
N LEU A 94 -0.98 9.08 -18.13
CA LEU A 94 -0.16 8.30 -19.05
C LEU A 94 -0.29 8.79 -20.48
N ARG A 95 -1.45 9.36 -20.82
CA ARG A 95 -1.72 9.85 -22.15
C ARG A 95 -1.55 8.75 -23.18
N VAL A 96 -2.23 7.64 -22.97
CA VAL A 96 -2.16 6.51 -23.87
C VAL A 96 -3.55 6.15 -24.38
N ALA A 97 -3.58 5.34 -25.43
CA ALA A 97 -4.84 4.87 -26.01
C ALA A 97 -5.02 3.49 -25.42
N PRO A 98 -5.90 3.35 -24.42
CA PRO A 98 -6.17 2.07 -23.77
C PRO A 98 -6.49 0.90 -24.70
N GLU A 99 -7.16 1.17 -25.82
CA GLU A 99 -7.53 0.12 -26.76
C GLU A 99 -6.31 -0.54 -27.40
N GLU A 100 -5.14 0.05 -27.22
CA GLU A 100 -3.92 -0.49 -27.84
C GLU A 100 -3.01 -1.22 -26.86
N HIS A 101 -3.39 -1.29 -25.59
CA HIS A 101 -2.55 -1.92 -24.60
C HIS A 101 -3.23 -2.93 -23.68
N PRO A 102 -2.63 -4.13 -23.53
CA PRO A 102 -3.24 -5.12 -22.63
C PRO A 102 -3.05 -4.44 -21.27
N THR A 103 -4.01 -4.56 -20.38
CA THR A 103 -3.90 -3.89 -19.08
C THR A 103 -3.99 -4.79 -17.87
N LEU A 104 -2.98 -4.72 -17.00
CA LEU A 104 -3.00 -5.52 -15.78
C LEU A 104 -3.42 -4.62 -14.64
N LEU A 105 -4.41 -5.06 -13.87
CA LEU A 105 -4.94 -4.32 -12.73
C LEU A 105 -4.67 -5.11 -11.46
N THR A 106 -4.59 -4.42 -10.32
CA THR A 106 -4.36 -5.11 -9.05
C THR A 106 -5.62 -4.99 -8.20
N GLU A 107 -5.78 -5.91 -7.25
CA GLU A 107 -6.94 -5.88 -6.36
C GLU A 107 -6.50 -6.21 -4.94
N ALA A 108 -7.27 -5.71 -3.98
CA ALA A 108 -6.96 -5.93 -2.57
C ALA A 108 -7.24 -7.37 -2.18
N PRO A 109 -6.67 -7.81 -1.05
CA PRO A 109 -6.87 -9.18 -0.57
C PRO A 109 -8.34 -9.27 -0.16
N LEU A 110 -8.95 -10.43 -0.40
CA LEU A 110 -10.35 -10.64 -0.04
C LEU A 110 -11.32 -9.79 -0.85
N ASN A 111 -10.91 -9.41 -2.07
CA ASN A 111 -11.77 -8.61 -2.92
C ASN A 111 -12.90 -9.50 -3.44
N PRO A 112 -14.17 -9.05 -3.28
CA PRO A 112 -15.30 -9.85 -3.74
C PRO A 112 -15.23 -10.18 -5.23
N LYS A 113 -15.69 -11.36 -5.60
CA LYS A 113 -15.67 -11.79 -6.99
C LYS A 113 -16.47 -10.84 -7.87
N ALA A 114 -17.59 -10.37 -7.35
CA ALA A 114 -18.46 -9.45 -8.09
C ALA A 114 -17.70 -8.17 -8.46
N ASN A 115 -16.81 -7.74 -7.57
CA ASN A 115 -16.01 -6.53 -7.82
C ASN A 115 -15.06 -6.78 -8.99
N ARG A 116 -14.42 -7.95 -8.99
CA ARG A 116 -13.50 -8.31 -10.05
C ARG A 116 -14.24 -8.35 -11.38
N GLU A 117 -15.48 -8.81 -11.35
CA GLU A 117 -16.29 -8.89 -12.56
C GLU A 117 -16.66 -7.50 -13.09
N LYS A 118 -17.01 -6.59 -12.18
CA LYS A 118 -17.36 -5.24 -12.59
C LYS A 118 -16.14 -4.54 -13.17
N MET A 119 -14.98 -4.77 -12.55
N MET A 119 -14.98 -4.77 -12.55
CA MET A 119 -13.73 -4.17 -13.02
CA MET A 119 -13.73 -4.17 -13.02
C MET A 119 -13.45 -4.62 -14.45
C MET A 119 -13.47 -4.62 -14.46
N THR A 120 -13.66 -5.91 -14.70
CA THR A 120 -13.44 -6.49 -16.01
C THR A 120 -14.43 -5.94 -17.04
N GLN A 121 -15.69 -5.81 -16.65
CA GLN A 121 -16.70 -5.29 -17.56
C GLN A 121 -16.38 -3.86 -17.98
N ILE A 122 -15.93 -3.05 -17.02
CA ILE A 122 -15.59 -1.66 -17.29
C ILE A 122 -14.39 -1.55 -18.24
N MET A 123 -13.36 -2.34 -18.00
CA MET A 123 -12.17 -2.29 -18.86
C MET A 123 -12.48 -2.63 -20.32
N PHE A 124 -13.28 -3.66 -20.55
CA PHE A 124 -13.61 -4.04 -21.92
C PHE A 124 -14.66 -3.16 -22.58
N GLU A 125 -15.73 -2.86 -21.86
CA GLU A 125 -16.82 -2.07 -22.42
C GLU A 125 -16.65 -0.55 -22.39
N THR A 126 -16.03 -0.02 -21.35
CA THR A 126 -15.82 1.41 -21.25
C THR A 126 -14.53 1.86 -21.93
N PHE A 127 -13.43 1.17 -21.61
CA PHE A 127 -12.13 1.52 -22.16
C PHE A 127 -11.68 0.71 -23.38
N ASN A 128 -12.42 -0.33 -23.70
CA ASN A 128 -12.12 -1.16 -24.87
C ASN A 128 -10.69 -1.68 -24.94
N VAL A 129 -10.15 -2.15 -23.81
CA VAL A 129 -8.80 -2.69 -23.83
C VAL A 129 -8.82 -4.00 -24.63
N PRO A 130 -7.70 -4.35 -25.28
CA PRO A 130 -7.65 -5.59 -26.06
C PRO A 130 -7.57 -6.83 -25.18
N ALA A 131 -7.01 -6.66 -23.99
CA ALA A 131 -6.84 -7.77 -23.06
C ALA A 131 -6.55 -7.19 -21.67
N MET A 132 -6.80 -7.99 -20.64
N MET A 132 -6.76 -8.01 -20.64
CA MET A 132 -6.55 -7.56 -19.28
CA MET A 132 -6.51 -7.57 -19.29
C MET A 132 -6.34 -8.74 -18.32
C MET A 132 -6.21 -8.75 -18.36
N TYR A 133 -5.81 -8.44 -17.14
CA TYR A 133 -5.52 -9.45 -16.15
C TYR A 133 -5.62 -8.79 -14.78
N VAL A 134 -6.11 -9.54 -13.79
CA VAL A 134 -6.22 -8.99 -12.45
C VAL A 134 -5.40 -9.84 -11.50
N ALA A 135 -4.51 -9.20 -10.75
CA ALA A 135 -3.68 -9.92 -9.79
C ALA A 135 -3.86 -9.35 -8.39
N ILE A 136 -3.67 -10.19 -7.38
CA ILE A 136 -3.81 -9.76 -6.00
C ILE A 136 -2.54 -8.98 -5.63
N GLN A 137 -2.74 -7.80 -5.06
CA GLN A 137 -1.63 -6.94 -4.67
C GLN A 137 -0.53 -7.60 -3.86
N ALA A 138 -0.90 -8.31 -2.79
CA ALA A 138 0.10 -8.96 -1.94
C ALA A 138 0.96 -9.95 -2.72
N VAL A 139 0.33 -10.70 -3.62
CA VAL A 139 1.05 -11.67 -4.42
C VAL A 139 2.07 -10.95 -5.31
N LEU A 140 1.65 -9.84 -5.91
CA LEU A 140 2.58 -9.10 -6.75
C LEU A 140 3.79 -8.62 -5.94
N SER A 141 3.55 -8.17 -4.71
N SER A 141 3.55 -8.17 -4.71
CA SER A 141 4.65 -7.72 -3.87
CA SER A 141 4.64 -7.73 -3.86
C SER A 141 5.61 -8.86 -3.54
C SER A 141 5.61 -8.87 -3.57
N LEU A 142 5.07 -10.07 -3.42
CA LEU A 142 5.91 -11.23 -3.12
C LEU A 142 6.78 -11.53 -4.36
N TYR A 143 6.18 -11.48 -5.55
CA TYR A 143 6.89 -11.72 -6.78
C TYR A 143 8.02 -10.69 -6.92
N ALA A 144 7.73 -9.47 -6.48
CA ALA A 144 8.72 -8.39 -6.53
C ALA A 144 9.94 -8.70 -5.68
N SER A 145 9.78 -9.56 -4.67
CA SER A 145 10.89 -9.93 -3.82
C SER A 145 11.52 -11.23 -4.31
N GLY A 146 11.02 -11.73 -5.44
CA GLY A 146 11.57 -12.94 -6.03
C GLY A 146 11.19 -14.27 -5.42
N ARG A 147 9.97 -14.40 -4.94
CA ARG A 147 9.52 -15.67 -4.37
C ARG A 147 8.03 -15.88 -4.59
N THR A 148 7.58 -17.12 -4.37
CA THR A 148 6.18 -17.46 -4.57
C THR A 148 5.52 -17.94 -3.27
N THR A 149 6.31 -18.03 -2.21
CA THR A 149 5.78 -18.44 -0.91
C THR A 149 6.36 -17.51 0.16
N GLY A 150 5.50 -17.12 1.11
CA GLY A 150 5.92 -16.24 2.18
C GLY A 150 4.74 -15.46 2.72
N ILE A 151 4.97 -14.60 3.70
CA ILE A 151 3.87 -13.83 4.24
C ILE A 151 4.18 -12.35 4.03
N VAL A 152 3.25 -11.66 3.40
CA VAL A 152 3.43 -10.25 3.10
C VAL A 152 2.76 -9.32 4.11
N LEU A 153 3.51 -8.30 4.54
CA LEU A 153 2.96 -7.27 5.40
C LEU A 153 2.84 -6.10 4.42
N ASP A 154 1.61 -5.76 4.03
CA ASP A 154 1.40 -4.67 3.09
C ASP A 154 0.72 -3.53 3.86
N SER A 155 1.40 -2.38 3.93
CA SER A 155 0.85 -1.23 4.65
C SER A 155 0.97 -0.02 3.75
N GLY A 156 -0.19 0.56 3.40
CA GLY A 156 -0.20 1.70 2.51
C GLY A 156 -0.66 2.99 3.14
N ASP A 157 -1.67 3.61 2.54
CA ASP A 157 -2.19 4.88 3.03
C ASP A 157 -3.44 4.70 3.89
N GLY A 158 -4.25 3.70 3.55
CA GLY A 158 -5.48 3.48 4.29
C GLY A 158 -5.66 2.16 5.00
N VAL A 159 -4.91 1.13 4.62
CA VAL A 159 -5.08 -0.15 5.28
C VAL A 159 -3.79 -0.97 5.34
N THR A 160 -3.74 -1.89 6.28
CA THR A 160 -2.59 -2.76 6.48
C THR A 160 -3.10 -4.20 6.50
N HIS A 161 -2.43 -5.08 5.77
CA HIS A 161 -2.81 -6.49 5.72
C HIS A 161 -1.61 -7.41 5.92
N ASN A 162 -1.90 -8.59 6.47
CA ASN A 162 -0.90 -9.64 6.66
C ASN A 162 -1.49 -10.67 5.70
N VAL A 163 -0.72 -11.05 4.68
CA VAL A 163 -1.22 -11.99 3.69
C VAL A 163 -0.27 -13.17 3.46
N PRO A 164 -0.61 -14.34 4.01
CA PRO A 164 0.22 -15.53 3.84
C PRO A 164 -0.07 -16.09 2.45
N ILE A 165 0.99 -16.44 1.74
CA ILE A 165 0.88 -16.95 0.38
C ILE A 165 1.69 -18.22 0.21
N TYR A 166 1.06 -19.25 -0.33
CA TYR A 166 1.74 -20.52 -0.54
C TYR A 166 1.67 -20.85 -2.02
N GLU A 167 2.85 -20.90 -2.65
CA GLU A 167 2.96 -21.21 -4.06
C GLU A 167 2.01 -20.36 -4.91
N GLY A 168 2.06 -19.05 -4.73
CA GLY A 168 1.23 -18.14 -5.50
C GLY A 168 -0.22 -17.97 -5.06
N TYR A 169 -0.65 -18.76 -4.08
CA TYR A 169 -2.03 -18.66 -3.62
C TYR A 169 -2.14 -18.01 -2.24
N ALA A 170 -2.88 -16.90 -2.18
CA ALA A 170 -3.10 -16.20 -0.92
C ALA A 170 -4.16 -16.97 -0.14
N LEU A 171 -3.84 -17.35 1.09
CA LEU A 171 -4.76 -18.12 1.94
C LEU A 171 -5.74 -17.17 2.64
N PRO A 172 -6.94 -17.00 2.06
CA PRO A 172 -8.00 -16.12 2.57
C PRO A 172 -8.36 -16.25 4.05
N HIS A 173 -8.46 -17.48 4.55
CA HIS A 173 -8.83 -17.69 5.94
C HIS A 173 -7.79 -17.17 6.92
N ALA A 174 -6.56 -16.97 6.46
CA ALA A 174 -5.49 -16.49 7.34
C ALA A 174 -5.11 -15.02 7.14
N ILE A 175 -5.80 -14.33 6.24
CA ILE A 175 -5.49 -12.93 6.01
C ILE A 175 -5.99 -12.05 7.16
N MET A 176 -5.12 -11.18 7.65
CA MET A 176 -5.45 -10.27 8.73
C MET A 176 -5.49 -8.84 8.17
N ARG A 177 -6.37 -8.03 8.75
CA ARG A 177 -6.54 -6.64 8.31
C ARG A 177 -6.53 -5.69 9.50
N LEU A 178 -5.75 -4.62 9.37
CA LEU A 178 -5.66 -3.59 10.40
C LEU A 178 -6.00 -2.28 9.71
N ASP A 179 -7.12 -1.67 10.10
CA ASP A 179 -7.56 -0.43 9.49
C ASP A 179 -6.78 0.78 9.99
N LEU A 180 -5.46 0.72 9.81
CA LEU A 180 -4.57 1.77 10.24
C LEU A 180 -3.41 1.81 9.26
N ALA A 181 -3.13 2.98 8.72
CA ALA A 181 -2.02 3.13 7.77
C ALA A 181 -1.44 4.55 7.74
N GLY A 182 -0.74 4.86 6.64
CA GLY A 182 -0.09 6.13 6.48
C GLY A 182 -0.91 7.38 6.78
N ARG A 183 -2.15 7.39 6.33
CA ARG A 183 -3.04 8.53 6.55
C ARG A 183 -3.17 8.83 8.04
N ASP A 184 -3.42 7.79 8.83
CA ASP A 184 -3.56 7.93 10.27
C ASP A 184 -2.25 8.34 10.94
N LEU A 185 -1.13 7.86 10.42
CA LEU A 185 0.17 8.22 11.00
C LEU A 185 0.49 9.69 10.78
N THR A 186 0.10 10.20 9.62
CA THR A 186 0.33 11.61 9.29
C THR A 186 -0.50 12.46 10.24
N ASP A 187 -1.77 12.08 10.42
CA ASP A 187 -2.66 12.82 11.30
C ASP A 187 -2.17 12.79 12.74
N TYR A 188 -1.62 11.65 13.14
CA TYR A 188 -1.10 11.49 14.49
C TYR A 188 0.13 12.36 14.71
N LEU A 189 1.02 12.41 13.72
CA LEU A 189 2.22 13.23 13.85
C LEU A 189 1.79 14.69 13.98
N MET A 190 0.78 15.08 13.21
CA MET A 190 0.26 16.45 13.25
C MET A 190 -0.18 16.80 14.67
N LYS A 191 -0.84 15.85 15.31
CA LYS A 191 -1.35 16.04 16.66
C LYS A 191 -0.25 16.17 17.70
N ILE A 192 0.69 15.23 17.71
CA ILE A 192 1.76 15.25 18.70
C ILE A 192 2.77 16.38 18.51
N LEU A 193 2.83 16.96 17.31
CA LEU A 193 3.75 18.07 17.07
C LEU A 193 3.28 19.32 17.80
N THR A 194 2.04 19.30 18.28
N THR A 194 2.04 19.30 18.28
CA THR A 194 1.48 20.43 19.00
CA THR A 194 1.49 20.43 19.01
C THR A 194 2.08 20.48 20.41
C THR A 194 2.11 20.48 20.40
N GLU A 195 2.48 19.31 20.91
CA GLU A 195 3.08 19.20 22.23
C GLU A 195 4.27 20.14 22.35
N ARG A 196 5.04 20.27 21.27
CA ARG A 196 6.20 21.15 21.28
C ARG A 196 5.82 22.59 20.94
N GLY A 197 4.53 22.86 20.86
CA GLY A 197 4.08 24.20 20.56
C GLY A 197 3.86 24.50 19.09
N TYR A 198 4.27 23.59 18.22
CA TYR A 198 4.11 23.78 16.79
C TYR A 198 2.65 23.51 16.43
N SER A 199 2.12 24.26 15.47
CA SER A 199 0.73 24.07 15.09
C SER A 199 0.54 23.82 13.60
N PHE A 200 0.28 22.57 13.24
CA PHE A 200 0.06 22.19 11.86
C PHE A 200 -1.42 21.80 11.78
N VAL A 201 -2.22 22.61 11.12
CA VAL A 201 -3.65 22.32 11.03
C VAL A 201 -4.27 22.38 9.64
N THR A 202 -3.77 23.29 8.79
CA THR A 202 -4.32 23.43 7.44
C THR A 202 -3.89 22.31 6.50
N THR A 203 -4.53 22.26 5.34
CA THR A 203 -4.22 21.24 4.35
C THR A 203 -2.76 21.38 3.92
N ALA A 204 -2.33 22.62 3.72
CA ALA A 204 -0.96 22.88 3.32
C ALA A 204 0.00 22.43 4.41
N GLU A 205 -0.39 22.67 5.66
CA GLU A 205 0.41 22.27 6.80
C GLU A 205 0.51 20.75 6.90
N ARG A 206 -0.58 20.06 6.57
CA ARG A 206 -0.58 18.60 6.62
C ARG A 206 0.42 18.03 5.60
N GLU A 207 0.60 18.75 4.50
CA GLU A 207 1.55 18.32 3.47
C GLU A 207 2.97 18.36 4.04
N ILE A 208 3.25 19.39 4.82
CA ILE A 208 4.57 19.54 5.45
C ILE A 208 4.81 18.39 6.41
N VAL A 209 3.80 18.07 7.22
CA VAL A 209 3.91 16.99 8.19
C VAL A 209 4.16 15.65 7.52
N ARG A 210 3.54 15.41 6.38
CA ARG A 210 3.74 14.17 5.65
C ARG A 210 5.21 14.09 5.23
N ASP A 211 5.77 15.22 4.84
CA ASP A 211 7.18 15.25 4.44
C ASP A 211 8.09 14.98 5.63
N ILE A 212 7.74 15.55 6.79
CA ILE A 212 8.54 15.33 7.99
C ILE A 212 8.51 13.84 8.29
N LYS A 213 7.31 13.27 8.27
CA LYS A 213 7.12 11.86 8.52
C LYS A 213 7.98 10.98 7.61
N GLU A 214 7.93 11.27 6.32
CA GLU A 214 8.69 10.48 5.34
C GLU A 214 10.19 10.70 5.36
N LYS A 215 10.64 11.80 5.96
CA LYS A 215 12.06 12.11 6.00
C LYS A 215 12.75 11.85 7.35
N LEU A 216 12.04 12.12 8.44
CA LEU A 216 12.63 11.99 9.77
C LEU A 216 12.14 10.90 10.72
N CYS A 217 10.99 10.30 10.46
CA CYS A 217 10.51 9.26 11.37
C CYS A 217 11.20 7.92 11.15
N TYR A 218 11.21 7.10 12.20
CA TYR A 218 11.82 5.78 12.13
C TYR A 218 11.24 4.92 13.24
N VAL A 219 11.38 3.61 13.10
CA VAL A 219 10.87 2.69 14.11
C VAL A 219 11.98 2.28 15.06
N ALA A 220 11.74 2.50 16.36
CA ALA A 220 12.71 2.15 17.39
C ALA A 220 12.75 0.63 17.56
N LEU A 221 13.93 0.09 17.86
CA LEU A 221 14.08 -1.33 18.06
C LEU A 221 13.37 -1.67 19.37
N ASP A 222 13.54 -0.80 20.35
N ASP A 222 13.55 -0.79 20.35
CA ASP A 222 12.86 -0.97 21.62
CA ASP A 222 12.94 -0.96 21.67
C ASP A 222 12.33 0.39 22.03
C ASP A 222 12.34 0.39 22.08
N PHE A 223 11.03 0.54 21.95
CA PHE A 223 10.35 1.79 22.28
C PHE A 223 10.70 2.43 23.62
N GLU A 224 10.57 1.68 24.70
CA GLU A 224 10.85 2.21 26.03
C GLU A 224 12.27 2.74 26.19
N ASN A 225 13.26 1.98 25.70
CA ASN A 225 14.64 2.40 25.80
C ASN A 225 14.91 3.62 24.90
N GLU A 226 14.18 3.71 23.80
CA GLU A 226 14.36 4.83 22.89
C GLU A 226 13.82 6.10 23.57
N MET A 227 12.70 5.96 24.26
CA MET A 227 12.11 7.09 24.98
C MET A 227 13.10 7.57 26.04
N ALA A 228 13.73 6.61 26.73
CA ALA A 228 14.70 6.92 27.78
C ALA A 228 15.94 7.62 27.22
N THR A 229 16.35 7.20 26.03
CA THR A 229 17.52 7.78 25.39
C THR A 229 17.21 9.22 24.96
N ALA A 230 15.99 9.44 24.49
CA ALA A 230 15.57 10.76 24.04
C ALA A 230 15.41 11.72 25.22
N ALA A 231 15.12 11.18 26.39
CA ALA A 231 14.95 12.00 27.58
C ALA A 231 16.26 12.31 28.32
N SER A 232 17.28 11.49 28.10
CA SER A 232 18.56 11.69 28.77
C SER A 232 19.63 12.31 27.88
N SER A 233 19.25 12.68 26.65
CA SER A 233 20.19 13.26 25.71
C SER A 233 19.44 13.90 24.53
N SER A 234 20.17 14.55 23.64
CA SER A 234 19.56 15.18 22.47
C SER A 234 20.10 14.50 21.22
N SER A 235 20.72 13.34 21.41
CA SER A 235 21.29 12.56 20.33
C SER A 235 20.29 12.12 19.25
N LEU A 236 19.01 12.11 19.59
CA LEU A 236 17.98 11.70 18.64
C LEU A 236 17.26 12.88 17.98
N GLU A 237 17.55 14.09 18.43
CA GLU A 237 16.91 15.27 17.86
C GLU A 237 17.41 15.61 16.45
N LYS A 238 16.48 16.08 15.63
CA LYS A 238 16.77 16.47 14.26
C LYS A 238 16.03 17.77 13.95
N SER A 239 16.65 18.62 13.14
CA SER A 239 16.05 19.89 12.76
C SER A 239 15.38 19.76 11.40
N TYR A 240 14.37 20.59 11.16
CA TYR A 240 13.65 20.57 9.89
C TYR A 240 13.23 21.99 9.55
N GLU A 241 13.58 22.46 8.35
CA GLU A 241 13.23 23.81 7.94
C GLU A 241 11.84 23.86 7.31
N LEU A 242 11.00 24.76 7.80
CA LEU A 242 9.65 24.92 7.31
C LEU A 242 9.64 25.87 6.11
N PRO A 243 8.56 25.84 5.32
CA PRO A 243 8.43 26.70 4.14
C PRO A 243 8.67 28.18 4.41
N ASP A 244 8.32 28.64 5.61
CA ASP A 244 8.49 30.06 5.95
C ASP A 244 9.90 30.44 6.42
N GLY A 245 10.83 29.49 6.36
CA GLY A 245 12.18 29.79 6.79
C GLY A 245 12.45 29.49 8.25
N GLN A 246 11.40 29.19 9.02
CA GLN A 246 11.58 28.87 10.43
C GLN A 246 12.14 27.44 10.50
N VAL A 247 12.76 27.11 11.62
CA VAL A 247 13.33 25.78 11.81
C VAL A 247 12.81 25.17 13.10
N ILE A 248 12.28 23.96 13.01
CA ILE A 248 11.75 23.27 14.18
C ILE A 248 12.64 22.07 14.54
N THR A 249 12.49 21.60 15.78
CA THR A 249 13.26 20.46 16.25
C THR A 249 12.29 19.36 16.69
N ILE A 250 12.60 18.14 16.29
CA ILE A 250 11.77 16.99 16.62
C ILE A 250 12.61 15.93 17.32
N GLY A 251 12.06 15.36 18.39
CA GLY A 251 12.79 14.36 19.15
C GLY A 251 12.14 12.99 19.12
N ASN A 252 11.51 12.61 20.22
CA ASN A 252 10.86 11.30 20.29
C ASN A 252 9.66 11.18 19.35
N GLU A 253 9.22 12.30 18.78
CA GLU A 253 8.10 12.25 17.84
C GLU A 253 8.50 11.45 16.61
N ARG A 254 9.81 11.43 16.33
CA ARG A 254 10.36 10.70 15.19
C ARG A 254 10.00 9.22 15.24
N PHE A 255 10.05 8.64 16.44
CA PHE A 255 9.70 7.23 16.56
C PHE A 255 8.35 6.95 17.19
N ARG A 256 7.79 7.93 17.89
CA ARG A 256 6.46 7.75 18.48
C ARG A 256 5.41 7.61 17.38
N CYS A 257 5.61 8.34 16.28
CA CYS A 257 4.67 8.28 15.18
C CYS A 257 4.47 6.86 14.61
N PRO A 258 5.55 6.23 14.11
CA PRO A 258 5.35 4.88 13.58
C PRO A 258 5.16 3.77 14.61
N GLU A 259 5.42 4.06 15.88
CA GLU A 259 5.24 3.07 16.94
C GLU A 259 3.78 2.66 16.97
N THR A 260 2.91 3.53 16.46
CA THR A 260 1.48 3.29 16.41
C THR A 260 1.16 1.99 15.67
N LEU A 261 2.00 1.62 14.70
CA LEU A 261 1.82 0.39 13.94
C LEU A 261 1.90 -0.82 14.86
N PHE A 262 2.76 -0.73 15.86
CA PHE A 262 2.93 -1.81 16.83
C PHE A 262 2.01 -1.63 18.04
N GLN A 263 1.61 -0.39 18.29
CA GLN A 263 0.72 -0.09 19.41
C GLN A 263 -0.42 0.82 18.95
N PRO A 264 -1.44 0.24 18.29
CA PRO A 264 -2.60 0.98 17.77
C PRO A 264 -3.35 1.80 18.83
N SER A 265 -3.18 1.45 20.09
CA SER A 265 -3.85 2.17 21.17
C SER A 265 -3.36 3.62 21.22
N PHE A 266 -2.21 3.90 20.59
CA PHE A 266 -1.67 5.25 20.55
C PHE A 266 -2.66 6.22 19.91
N ILE A 267 -3.41 5.74 18.91
CA ILE A 267 -4.40 6.59 18.26
C ILE A 267 -5.81 6.11 18.59
N GLY A 268 -5.94 5.41 19.71
CA GLY A 268 -7.23 4.95 20.15
C GLY A 268 -7.82 3.73 19.45
N MET A 269 -7.00 2.87 18.88
CA MET A 269 -7.55 1.67 18.25
C MET A 269 -7.31 0.47 19.13
N GLU A 270 -8.33 -0.39 19.27
CA GLU A 270 -8.21 -1.58 20.11
C GLU A 270 -7.54 -2.77 19.40
N SER A 271 -7.18 -2.58 18.13
CA SER A 271 -6.56 -3.65 17.36
C SER A 271 -5.16 -4.03 17.82
N ALA A 272 -4.76 -5.26 17.50
CA ALA A 272 -3.43 -5.73 17.86
C ALA A 272 -2.42 -5.13 16.87
N GLY A 273 -1.17 -4.98 17.29
CA GLY A 273 -0.13 -4.42 16.45
C GLY A 273 0.27 -5.31 15.28
N ILE A 274 0.98 -4.76 14.30
CA ILE A 274 1.38 -5.52 13.13
C ILE A 274 2.20 -6.78 13.42
N HIS A 275 2.97 -6.76 14.51
CA HIS A 275 3.77 -7.93 14.86
C HIS A 275 2.85 -9.07 15.32
N GLU A 276 1.83 -8.71 16.10
CA GLU A 276 0.87 -9.68 16.60
C GLU A 276 -0.02 -10.23 15.49
N THR A 277 -0.43 -9.37 14.56
CA THR A 277 -1.28 -9.84 13.47
C THR A 277 -0.47 -10.76 12.54
N THR A 278 0.82 -10.48 12.40
CA THR A 278 1.68 -11.32 11.57
C THR A 278 1.71 -12.72 12.18
N TYR A 279 2.00 -12.77 13.47
CA TYR A 279 2.03 -14.03 14.19
C TYR A 279 0.69 -14.76 14.12
N ASN A 280 -0.39 -14.04 14.40
CA ASN A 280 -1.72 -14.65 14.35
C ASN A 280 -2.03 -15.21 12.96
N SER A 281 -1.58 -14.50 11.94
CA SER A 281 -1.80 -14.92 10.54
C SER A 281 -1.10 -16.26 10.31
N ILE A 282 0.17 -16.34 10.69
CA ILE A 282 0.96 -17.54 10.53
C ILE A 282 0.34 -18.73 11.28
N MET A 283 -0.19 -18.48 12.46
CA MET A 283 -0.79 -19.54 13.26
C MET A 283 -2.11 -20.06 12.69
N LYS A 284 -2.68 -19.33 11.72
CA LYS A 284 -3.93 -19.72 11.07
C LYS A 284 -3.61 -20.62 9.89
N CYS A 285 -2.33 -20.80 9.62
CA CYS A 285 -1.89 -21.62 8.50
C CYS A 285 -1.45 -23.01 8.96
N ASP A 286 -1.45 -23.92 8.01
CA ASP A 286 -1.05 -25.29 8.24
C ASP A 286 0.33 -25.30 8.89
N ILE A 287 0.45 -26.01 10.00
CA ILE A 287 1.73 -26.08 10.71
C ILE A 287 2.90 -26.47 9.81
N ASP A 288 2.62 -27.24 8.75
CA ASP A 288 3.68 -27.68 7.85
C ASP A 288 4.23 -26.65 6.87
N ILE A 289 3.61 -25.46 6.81
CA ILE A 289 4.12 -24.41 5.93
C ILE A 289 4.57 -23.22 6.74
N ARG A 290 4.32 -23.24 8.05
CA ARG A 290 4.70 -22.13 8.91
C ARG A 290 6.18 -21.79 8.82
N LYS A 291 7.01 -22.82 8.79
N LYS A 291 7.03 -22.81 8.79
CA LYS A 291 8.46 -22.62 8.68
CA LYS A 291 8.47 -22.58 8.71
C LYS A 291 8.78 -21.74 7.49
C LYS A 291 8.78 -21.72 7.49
N ASP A 292 8.12 -22.01 6.37
CA ASP A 292 8.33 -21.25 5.14
C ASP A 292 7.90 -19.78 5.28
N LEU A 293 6.79 -19.54 5.98
CA LEU A 293 6.32 -18.17 6.18
C LEU A 293 7.26 -17.38 7.10
N TYR A 294 7.68 -18.01 8.20
CA TYR A 294 8.59 -17.35 9.15
C TYR A 294 9.88 -16.89 8.49
N ALA A 295 10.39 -17.71 7.58
CA ALA A 295 11.63 -17.41 6.88
C ALA A 295 11.45 -16.48 5.68
N ASN A 296 10.20 -16.13 5.39
CA ASN A 296 9.92 -15.27 4.25
C ASN A 296 8.90 -14.16 4.52
N ASN A 297 9.17 -13.35 5.54
CA ASN A 297 8.29 -12.21 5.88
C ASN A 297 8.68 -11.06 4.99
N VAL A 298 7.82 -10.72 4.03
CA VAL A 298 8.11 -9.64 3.10
C VAL A 298 7.30 -8.39 3.36
N MET A 299 7.97 -7.25 3.43
CA MET A 299 7.30 -5.97 3.67
C MET A 299 7.03 -5.24 2.36
N SER A 300 5.84 -4.66 2.27
CA SER A 300 5.42 -3.95 1.07
C SER A 300 4.57 -2.74 1.42
N GLY A 301 4.64 -1.70 0.59
CA GLY A 301 3.83 -0.52 0.85
C GLY A 301 4.60 0.68 1.38
N GLY A 302 4.10 1.87 1.07
CA GLY A 302 4.76 3.09 1.51
C GLY A 302 4.95 3.20 3.02
N THR A 303 4.01 2.69 3.79
CA THR A 303 4.13 2.77 5.25
C THR A 303 5.10 1.77 5.86
N THR A 304 5.75 0.93 5.05
CA THR A 304 6.74 0.00 5.59
C THR A 304 8.13 0.58 5.29
N MET A 305 8.17 1.79 4.76
CA MET A 305 9.43 2.45 4.41
C MET A 305 10.27 2.98 5.56
N TYR A 306 9.71 3.04 6.76
CA TYR A 306 10.45 3.57 7.91
C TYR A 306 11.73 2.80 8.23
N PRO A 307 12.84 3.54 8.39
CA PRO A 307 14.09 2.85 8.71
C PRO A 307 13.87 2.14 10.04
N GLY A 308 14.44 0.96 10.20
CA GLY A 308 14.30 0.21 11.43
C GLY A 308 13.11 -0.71 11.56
N ILE A 309 12.14 -0.62 10.65
CA ILE A 309 10.96 -1.46 10.78
C ILE A 309 11.29 -2.95 10.62
N ALA A 310 12.19 -3.30 9.73
CA ALA A 310 12.56 -4.70 9.52
C ALA A 310 13.20 -5.28 10.78
N ASP A 311 14.13 -4.54 11.38
CA ASP A 311 14.80 -5.01 12.60
C ASP A 311 13.78 -5.17 13.73
N ARG A 312 12.83 -4.24 13.82
CA ARG A 312 11.81 -4.31 14.87
C ARG A 312 10.94 -5.55 14.67
N MET A 313 10.49 -5.79 13.44
CA MET A 313 9.65 -6.96 13.18
C MET A 313 10.41 -8.25 13.47
N GLN A 314 11.68 -8.28 13.13
CA GLN A 314 12.53 -9.45 13.37
C GLN A 314 12.55 -9.74 14.88
N LYS A 315 12.74 -8.70 15.67
CA LYS A 315 12.78 -8.84 17.12
C LYS A 315 11.43 -9.28 17.71
N GLU A 316 10.36 -8.64 17.27
CA GLU A 316 9.03 -8.96 17.80
C GLU A 316 8.54 -10.35 17.41
N ILE A 317 8.80 -10.77 16.18
CA ILE A 317 8.37 -12.08 15.73
C ILE A 317 9.16 -13.17 16.44
N THR A 318 10.45 -12.94 16.62
CA THR A 318 11.32 -13.89 17.30
C THR A 318 10.78 -14.14 18.72
N ALA A 319 10.31 -13.07 19.35
CA ALA A 319 9.76 -13.17 20.70
C ALA A 319 8.49 -14.02 20.77
N LEU A 320 7.72 -14.01 19.69
CA LEU A 320 6.47 -14.76 19.65
C LEU A 320 6.61 -16.18 19.10
N ALA A 321 7.61 -16.38 18.24
CA ALA A 321 7.83 -17.68 17.60
C ALA A 321 8.61 -18.70 18.42
N PRO A 322 8.51 -19.98 18.04
CA PRO A 322 9.23 -21.06 18.74
C PRO A 322 10.73 -20.74 18.71
N SER A 323 11.42 -21.09 19.78
CA SER A 323 12.86 -20.81 19.89
C SER A 323 13.75 -21.34 18.78
N THR A 324 13.36 -22.43 18.14
CA THR A 324 14.16 -23.01 17.07
C THR A 324 13.70 -22.60 15.68
N MET A 325 12.85 -21.58 15.62
CA MET A 325 12.34 -21.12 14.34
C MET A 325 13.26 -20.08 13.70
N LYS A 326 13.58 -20.28 12.43
CA LYS A 326 14.43 -19.35 11.69
C LYS A 326 13.53 -18.22 11.17
N ILE A 327 13.81 -17.00 11.62
CA ILE A 327 13.02 -15.84 11.22
C ILE A 327 13.78 -14.94 10.27
N LYS A 328 13.12 -14.53 9.19
CA LYS A 328 13.77 -13.64 8.23
C LYS A 328 12.78 -12.63 7.66
N ILE A 329 13.17 -11.36 7.73
CA ILE A 329 12.34 -10.28 7.22
C ILE A 329 13.02 -9.72 5.97
N ILE A 330 12.26 -9.62 4.88
CA ILE A 330 12.80 -9.08 3.64
C ILE A 330 12.12 -7.73 3.39
N ALA A 331 12.93 -6.68 3.31
CA ALA A 331 12.42 -5.34 3.08
C ALA A 331 13.14 -4.71 1.90
N PRO A 332 12.66 -4.99 0.68
CA PRO A 332 13.26 -4.44 -0.55
C PRO A 332 13.33 -2.92 -0.54
N PRO A 333 14.44 -2.35 -1.04
CA PRO A 333 14.63 -0.90 -1.07
C PRO A 333 13.50 -0.17 -1.81
N GLU A 334 12.97 -0.82 -2.85
CA GLU A 334 11.90 -0.23 -3.65
C GLU A 334 10.50 -0.67 -3.23
N ARG A 335 10.36 -1.21 -2.02
CA ARG A 335 9.07 -1.69 -1.53
C ARG A 335 7.93 -0.68 -1.56
N LYS A 336 8.26 0.60 -1.73
CA LYS A 336 7.24 1.63 -1.79
C LYS A 336 6.35 1.39 -3.02
N TYR A 337 6.91 0.73 -4.03
CA TYR A 337 6.18 0.43 -5.26
C TYR A 337 6.26 -1.07 -5.59
N SER A 338 6.47 -1.90 -4.58
N SER A 338 6.47 -1.90 -4.58
CA SER A 338 6.59 -3.35 -4.80
CA SER A 338 6.58 -3.35 -4.79
C SER A 338 5.39 -3.95 -5.52
C SER A 338 5.39 -3.95 -5.52
N VAL A 339 4.18 -3.50 -5.18
CA VAL A 339 2.98 -4.03 -5.82
C VAL A 339 3.03 -3.73 -7.33
N TRP A 340 3.29 -2.46 -7.66
CA TRP A 340 3.35 -2.07 -9.05
C TRP A 340 4.46 -2.84 -9.78
N ILE A 341 5.61 -2.92 -9.13
CA ILE A 341 6.76 -3.61 -9.70
C ILE A 341 6.45 -5.08 -9.97
N GLY A 342 5.77 -5.72 -9.04
CA GLY A 342 5.39 -7.11 -9.23
C GLY A 342 4.52 -7.21 -10.48
N GLY A 343 3.61 -6.25 -10.65
CA GLY A 343 2.75 -6.25 -11.82
C GLY A 343 3.53 -6.02 -13.11
N SER A 344 4.54 -5.15 -13.06
CA SER A 344 5.37 -4.84 -14.22
C SER A 344 6.10 -6.11 -14.67
N ILE A 345 6.64 -6.84 -13.71
CA ILE A 345 7.35 -8.09 -13.99
C ILE A 345 6.44 -9.09 -14.68
N LEU A 346 5.29 -9.35 -14.06
CA LEU A 346 4.34 -10.31 -14.59
C LEU A 346 3.80 -9.91 -15.97
N ALA A 347 3.41 -8.65 -16.12
CA ALA A 347 2.86 -8.17 -17.38
C ALA A 347 3.86 -8.18 -18.52
N SER A 348 5.14 -8.20 -18.19
CA SER A 348 6.19 -8.18 -19.21
C SER A 348 6.58 -9.56 -19.71
N LEU A 349 6.00 -10.62 -19.13
CA LEU A 349 6.32 -11.98 -19.57
C LEU A 349 5.45 -12.36 -20.76
N SER A 350 5.82 -11.84 -21.92
CA SER A 350 5.10 -12.08 -23.16
C SER A 350 4.97 -13.54 -23.56
N THR A 351 5.87 -14.39 -23.07
N THR A 351 5.87 -14.39 -23.08
CA THR A 351 5.81 -15.81 -23.41
CA THR A 351 5.81 -15.81 -23.41
C THR A 351 4.52 -16.40 -22.86
C THR A 351 4.49 -16.38 -22.88
N PHE A 352 4.03 -15.84 -21.75
CA PHE A 352 2.78 -16.29 -21.15
C PHE A 352 1.61 -15.43 -21.59
N GLN A 353 1.71 -14.84 -22.79
CA GLN A 353 0.64 -13.98 -23.28
C GLN A 353 -0.74 -14.64 -23.27
N GLN A 354 -0.80 -15.97 -23.32
CA GLN A 354 -2.09 -16.65 -23.31
C GLN A 354 -2.79 -16.51 -21.94
N MET A 355 -2.07 -16.04 -20.94
CA MET A 355 -2.68 -15.86 -19.62
C MET A 355 -3.57 -14.62 -19.61
N TRP A 356 -3.31 -13.69 -20.54
CA TRP A 356 -4.13 -12.48 -20.64
C TRP A 356 -5.55 -12.88 -20.98
N ILE A 357 -6.55 -12.20 -20.44
CA ILE A 357 -7.93 -12.49 -20.80
C ILE A 357 -8.17 -11.54 -21.97
N THR A 358 -8.43 -12.08 -23.16
CA THR A 358 -8.64 -11.24 -24.33
C THR A 358 -10.09 -10.82 -24.49
N LYS A 359 -10.32 -9.84 -25.37
CA LYS A 359 -11.66 -9.35 -25.65
C LYS A 359 -12.51 -10.50 -26.21
N GLN A 360 -11.92 -11.30 -27.10
CA GLN A 360 -12.63 -12.42 -27.70
C GLN A 360 -13.11 -13.39 -26.64
N GLU A 361 -12.23 -13.73 -25.70
CA GLU A 361 -12.58 -14.64 -24.61
C GLU A 361 -13.68 -14.05 -23.75
N TYR A 362 -13.68 -12.73 -23.65
CA TYR A 362 -14.68 -12.02 -22.85
C TYR A 362 -16.04 -12.11 -23.54
N ASP A 363 -16.05 -11.99 -24.87
CA ASP A 363 -17.28 -12.05 -25.65
C ASP A 363 -18.03 -13.36 -25.44
N GLU A 364 -17.32 -14.47 -25.64
CA GLU A 364 -17.92 -15.79 -25.50
C GLU A 364 -18.20 -16.28 -24.08
N ALA A 365 -17.42 -15.84 -23.11
CA ALA A 365 -17.62 -16.29 -21.72
C ALA A 365 -18.20 -15.26 -20.77
N GLY A 366 -18.12 -13.98 -21.12
CA GLY A 366 -18.65 -12.95 -20.25
C GLY A 366 -17.71 -12.62 -19.11
N PRO A 367 -18.10 -11.69 -18.22
CA PRO A 367 -17.32 -11.24 -17.06
C PRO A 367 -16.79 -12.34 -16.12
N SER A 368 -17.50 -13.45 -16.05
CA SER A 368 -17.13 -14.56 -15.17
C SER A 368 -15.80 -15.23 -15.52
N ILE A 369 -15.29 -14.96 -16.73
CA ILE A 369 -14.03 -15.55 -17.18
C ILE A 369 -12.83 -15.03 -16.38
N VAL A 370 -13.01 -13.86 -15.75
CA VAL A 370 -11.94 -13.24 -14.98
C VAL A 370 -11.49 -14.02 -13.74
N HIS A 371 -12.39 -14.81 -13.17
CA HIS A 371 -12.07 -15.59 -11.98
C HIS A 371 -11.03 -16.67 -12.28
#